data_4K6Z
#
_entry.id   4K6Z
#
_cell.length_a   168.574
_cell.length_b   42.701
_cell.length_c   44.301
_cell.angle_alpha   90.00
_cell.angle_beta   90.00
_cell.angle_gamma   90.00
#
_symmetry.space_group_name_H-M   'P 21 21 2'
#
loop_
_entity.id
_entity.type
_entity.pdbx_description
1 polymer 'Tyrosine-protein kinase JAK1'
2 non-polymer (1R,2S)-2-{[8-oxo-2-(1H-pyrazol-4-yl)-5,8-dihydropyrido[3,4-d]pyrimidin-4-yl]amino}cyclopentanecarbonitrile
3 water water
#
_entity_poly.entity_id   1
_entity_poly.type   'polypeptide(L)'
_entity_poly.pdbx_seq_one_letter_code
;GDIVSEKKPATEVDPTHFEKRFLKRIRDLGEGHFGKVELCRYDPEGDNTGEQVAVKSLKPESGGNHIADLKKEIEILRNL
YHENIVKYKGICTEDGGNGIKLIMEFLPSGSLKEYLPKNKNKINLKQQLKYAVQICKGMDYLGSRQYVHRDLAARNVLVE
SEHQVKIGDFGLTKAIETDKE(PTR)(PTR)TVKDDRDSPVFWYAPECLMQSKFYIASDVWSFGVTLHELLTYCDSDSSP
MALFLKMIGPTHGQMTVTRLVNTLKEGKRLPCPPNCPDEVYQLMRKCWEFQPSNRTSFQNLIEGFEALLK
;
_entity_poly.pdbx_strand_id   A
#
# COMPACT_ATOMS: atom_id res chain seq x y z
N VAL A 13 3.51 34.48 0.28
CA VAL A 13 4.13 33.18 0.54
C VAL A 13 3.08 32.04 0.51
N ASP A 14 3.50 30.85 0.03
CA ASP A 14 2.68 29.65 -0.04
C ASP A 14 3.04 28.72 1.13
N PRO A 15 2.04 28.26 1.93
CA PRO A 15 2.35 27.35 3.05
C PRO A 15 2.75 25.94 2.60
N THR A 16 2.40 25.55 1.35
CA THR A 16 2.74 24.25 0.76
C THR A 16 4.11 24.30 0.06
N HIS A 17 4.75 25.49 0.02
CA HIS A 17 6.07 25.65 -0.60
C HIS A 17 7.18 25.53 0.44
N PHE A 18 8.05 24.52 0.29
CA PHE A 18 9.15 24.21 1.21
C PHE A 18 10.53 24.36 0.56
N GLU A 19 11.45 25.10 1.24
CA GLU A 19 12.83 25.36 0.83
C GLU A 19 13.72 24.18 1.19
N LYS A 20 14.67 23.85 0.30
CA LYS A 20 15.62 22.75 0.48
C LYS A 20 16.60 23.03 1.64
N ARG A 21 17.07 24.30 1.73
CA ARG A 21 18.00 24.79 2.76
C ARG A 21 17.49 24.55 4.18
N PHE A 22 16.19 24.85 4.41
CA PHE A 22 15.52 24.71 5.70
C PHE A 22 15.08 23.26 6.02
N LEU A 23 15.16 22.37 5.02
CA LEU A 23 14.79 20.97 5.13
C LEU A 23 16.01 20.13 5.57
N LYS A 24 16.26 20.04 6.89
CA LYS A 24 17.38 19.25 7.44
C LYS A 24 16.89 17.86 7.79
N ARG A 25 17.59 16.85 7.30
CA ARG A 25 17.34 15.42 7.51
C ARG A 25 17.53 15.03 8.98
N ILE A 26 16.84 13.97 9.41
CA ILE A 26 16.90 13.41 10.77
C ILE A 26 17.24 11.91 10.67
N ARG A 27 16.39 11.16 9.97
CA ARG A 27 16.54 9.72 9.74
C ARG A 27 15.73 9.28 8.52
N ASP A 28 16.18 8.19 7.90
CA ASP A 28 15.53 7.55 6.77
C ASP A 28 14.33 6.79 7.32
N LEU A 29 13.11 7.09 6.80
CA LEU A 29 11.88 6.44 7.23
C LEU A 29 11.68 5.14 6.44
N GLY A 30 11.41 5.27 5.15
CA GLY A 30 11.15 4.12 4.31
C GLY A 30 11.69 4.22 2.89
N GLU A 31 11.92 3.05 2.29
CA GLU A 31 12.43 2.90 0.93
C GLU A 31 11.28 2.50 0.01
N GLY A 32 11.20 3.21 -1.12
CA GLY A 32 10.21 2.97 -2.17
C GLY A 32 10.87 2.47 -3.44
N HIS A 33 10.06 2.14 -4.47
CA HIS A 33 10.53 1.63 -5.76
C HIS A 33 11.53 2.59 -6.41
N PHE A 34 11.10 3.83 -6.68
CA PHE A 34 11.90 4.86 -7.30
C PHE A 34 12.34 5.92 -6.28
N GLY A 35 11.46 6.24 -5.34
CA GLY A 35 11.68 7.25 -4.31
C GLY A 35 12.23 6.76 -2.98
N LYS A 36 12.76 7.72 -2.19
CA LYS A 36 13.33 7.52 -0.86
C LYS A 36 12.61 8.47 0.14
N VAL A 37 12.02 7.89 1.22
CA VAL A 37 11.28 8.68 2.20
C VAL A 37 12.08 8.85 3.50
N GLU A 38 12.52 10.09 3.79
CA GLU A 38 13.28 10.45 4.98
C GLU A 38 12.58 11.51 5.83
N LEU A 39 12.67 11.34 7.15
CA LEU A 39 12.16 12.30 8.13
C LEU A 39 13.09 13.53 8.19
N CYS A 40 12.50 14.71 7.97
CA CYS A 40 13.17 16.00 8.02
C CYS A 40 12.41 16.91 8.93
N ARG A 41 13.14 17.81 9.58
CA ARG A 41 12.54 18.85 10.38
C ARG A 41 12.64 20.05 9.48
N TYR A 42 11.51 20.66 9.14
CA TYR A 42 11.55 21.85 8.32
C TYR A 42 11.70 23.01 9.30
N ASP A 43 12.93 23.53 9.45
CA ASP A 43 13.19 24.64 10.38
C ASP A 43 13.68 25.93 9.70
N PRO A 44 12.76 26.82 9.22
CA PRO A 44 13.20 28.08 8.62
C PRO A 44 13.93 29.02 9.59
N GLU A 45 13.53 29.04 10.88
CA GLU A 45 14.18 29.84 11.94
C GLU A 45 15.61 29.32 12.16
N GLY A 46 15.75 28.00 12.25
CA GLY A 46 17.02 27.30 12.42
C GLY A 46 17.47 27.16 13.85
N ASP A 47 16.70 26.39 14.68
CA ASP A 47 16.98 26.13 16.11
C ASP A 47 16.29 24.87 16.69
N ASN A 48 16.12 23.79 15.87
CA ASN A 48 15.48 22.51 16.24
C ASN A 48 14.03 22.70 16.79
N THR A 49 13.22 23.54 16.11
CA THR A 49 11.85 23.86 16.55
C THR A 49 10.80 23.82 15.43
N GLY A 50 11.23 23.46 14.23
CA GLY A 50 10.33 23.37 13.08
C GLY A 50 9.57 22.06 13.09
N GLU A 51 8.46 21.98 12.32
CA GLU A 51 7.70 20.74 12.31
C GLU A 51 8.40 19.63 11.55
N GLN A 52 8.32 18.41 12.10
CA GLN A 52 8.86 17.20 11.52
C GLN A 52 7.91 16.76 10.40
N VAL A 53 8.48 16.51 9.20
CA VAL A 53 7.76 16.18 7.98
C VAL A 53 8.43 15.03 7.27
N ALA A 54 7.63 14.20 6.54
CA ALA A 54 8.13 13.09 5.76
C ALA A 54 8.42 13.62 4.38
N VAL A 55 9.63 13.32 3.86
CA VAL A 55 10.14 13.85 2.60
C VAL A 55 10.52 12.73 1.61
N LYS A 56 9.88 12.76 0.42
CA LYS A 56 10.12 11.80 -0.66
C LYS A 56 10.89 12.48 -1.78
N SER A 57 12.10 11.99 -2.03
CA SER A 57 12.98 12.47 -3.07
C SER A 57 13.58 11.28 -3.80
N LEU A 58 13.58 11.35 -5.14
CA LEU A 58 14.12 10.31 -6.04
C LEU A 58 15.59 10.07 -5.81
N LYS A 59 16.02 8.81 -5.99
CA LYS A 59 17.43 8.41 -5.84
C LYS A 59 18.20 8.86 -7.09
N PRO A 60 19.40 9.49 -6.95
CA PRO A 60 20.13 9.94 -8.15
C PRO A 60 21.04 8.86 -8.76
N HIS A 66 13.49 9.81 -12.61
CA HIS A 66 12.17 9.65 -13.23
C HIS A 66 11.15 10.65 -12.64
N ILE A 67 11.53 11.93 -12.75
CA ILE A 67 10.86 13.15 -12.33
C ILE A 67 9.40 13.20 -12.76
N ALA A 68 9.09 12.84 -14.03
CA ALA A 68 7.71 12.84 -14.57
C ALA A 68 6.76 12.08 -13.65
N ASP A 69 7.17 10.90 -13.20
CA ASP A 69 6.42 9.99 -12.33
C ASP A 69 6.19 10.59 -10.93
N LEU A 70 7.27 11.08 -10.28
CA LEU A 70 7.17 11.75 -8.97
C LEU A 70 6.22 12.93 -9.09
N LYS A 71 6.43 13.82 -10.10
CA LYS A 71 5.58 14.96 -10.43
C LYS A 71 4.09 14.52 -10.57
N LYS A 72 3.84 13.45 -11.31
CA LYS A 72 2.50 12.89 -11.49
C LYS A 72 1.90 12.38 -10.14
N GLU A 73 2.73 11.76 -9.26
CA GLU A 73 2.31 11.23 -7.95
C GLU A 73 1.88 12.40 -7.05
N ILE A 74 2.68 13.49 -7.07
CA ILE A 74 2.41 14.72 -6.33
C ILE A 74 1.06 15.35 -6.73
N GLU A 75 0.70 15.37 -8.01
CA GLU A 75 -0.61 15.94 -8.34
C GLU A 75 -1.75 14.99 -7.98
N ILE A 76 -1.46 13.67 -7.86
CA ILE A 76 -2.48 12.72 -7.44
C ILE A 76 -2.74 12.90 -5.94
N LEU A 77 -1.66 12.86 -5.09
CA LEU A 77 -1.76 12.99 -3.63
C LEU A 77 -2.34 14.32 -3.17
N ARG A 78 -1.90 15.44 -3.80
CA ARG A 78 -2.33 16.81 -3.53
C ARG A 78 -3.87 16.95 -3.62
N ASN A 79 -4.53 16.17 -4.49
CA ASN A 79 -5.99 16.20 -4.62
C ASN A 79 -6.69 14.98 -3.99
N LEU A 80 -6.05 14.33 -2.98
CA LEU A 80 -6.65 13.22 -2.22
C LEU A 80 -6.92 13.76 -0.82
N TYR A 81 -8.18 13.72 -0.41
CA TYR A 81 -8.61 14.21 0.90
C TYR A 81 -9.53 13.13 1.48
N HIS A 82 -8.92 12.25 2.31
CA HIS A 82 -9.59 11.14 2.97
C HIS A 82 -8.87 10.84 4.25
N GLU A 83 -9.60 10.48 5.31
CA GLU A 83 -9.01 10.24 6.62
C GLU A 83 -8.02 9.06 6.67
N ASN A 84 -8.07 8.11 5.72
CA ASN A 84 -7.15 6.97 5.66
C ASN A 84 -6.19 7.06 4.46
N ILE A 85 -5.89 8.30 4.05
CA ILE A 85 -4.93 8.62 3.02
C ILE A 85 -4.04 9.70 3.61
N VAL A 86 -2.69 9.47 3.56
CA VAL A 86 -1.65 10.36 4.12
C VAL A 86 -1.82 11.78 3.59
N LYS A 87 -1.73 12.77 4.47
CA LYS A 87 -1.88 14.15 4.03
C LYS A 87 -0.62 14.66 3.39
N TYR A 88 -0.84 15.27 2.21
CA TYR A 88 0.13 15.98 1.42
C TYR A 88 0.34 17.29 2.20
N LYS A 89 1.59 17.68 2.37
CA LYS A 89 1.94 18.91 3.10
C LYS A 89 2.38 19.98 2.11
N GLY A 90 2.96 19.55 0.99
CA GLY A 90 3.45 20.44 -0.06
C GLY A 90 4.53 19.85 -0.93
N ILE A 91 5.31 20.72 -1.56
CA ILE A 91 6.41 20.37 -2.46
C ILE A 91 7.70 21.11 -2.16
N CYS A 92 8.72 20.86 -2.96
CA CYS A 92 10.06 21.44 -2.88
C CYS A 92 10.59 21.38 -4.32
N THR A 93 10.71 22.55 -5.01
CA THR A 93 11.15 22.58 -6.42
C THR A 93 12.53 23.16 -6.68
N GLU A 94 13.14 22.73 -7.83
CA GLU A 94 14.41 23.12 -8.47
C GLU A 94 14.73 22.20 -9.65
N GLY A 99 13.41 18.64 -11.26
CA GLY A 99 13.84 18.67 -9.86
C GLY A 99 12.72 19.01 -8.90
N ILE A 100 12.26 18.00 -8.13
CA ILE A 100 11.14 18.12 -7.18
C ILE A 100 11.21 17.04 -6.04
N LYS A 101 10.67 17.41 -4.85
CA LYS A 101 10.56 16.56 -3.65
C LYS A 101 9.14 16.64 -3.08
N LEU A 102 8.52 15.46 -2.81
CA LEU A 102 7.18 15.36 -2.23
C LEU A 102 7.24 15.55 -0.69
N ILE A 103 6.46 16.54 -0.17
CA ILE A 103 6.39 16.80 1.28
C ILE A 103 5.09 16.24 1.81
N MET A 104 5.18 15.21 2.68
CA MET A 104 4.02 14.55 3.32
C MET A 104 4.00 14.76 4.84
N GLU A 105 2.90 14.37 5.49
CA GLU A 105 2.88 14.41 6.96
C GLU A 105 3.68 13.22 7.51
N PHE A 106 4.17 13.38 8.74
CA PHE A 106 4.93 12.38 9.44
C PHE A 106 4.03 11.69 10.47
N LEU A 107 3.94 10.35 10.40
CA LEU A 107 3.17 9.53 11.33
C LEU A 107 4.19 8.75 12.18
N PRO A 108 4.41 9.22 13.44
CA PRO A 108 5.48 8.61 14.28
C PRO A 108 5.41 7.11 14.54
N SER A 109 4.20 6.49 14.49
CA SER A 109 4.08 5.05 14.73
C SER A 109 4.61 4.19 13.57
N GLY A 110 4.86 4.83 12.44
CA GLY A 110 5.43 4.20 11.26
C GLY A 110 4.45 3.35 10.47
N SER A 111 4.99 2.40 9.70
CA SER A 111 4.16 1.52 8.89
C SER A 111 3.71 0.27 9.65
N LEU A 112 2.65 -0.41 9.14
CA LEU A 112 2.14 -1.65 9.73
C LEU A 112 3.28 -2.70 9.82
N LYS A 113 4.20 -2.72 8.82
CA LYS A 113 5.38 -3.60 8.70
C LYS A 113 6.21 -3.71 10.01
N GLU A 114 6.42 -2.59 10.72
CA GLU A 114 7.20 -2.55 11.97
C GLU A 114 6.33 -2.28 13.20
N TYR A 115 5.12 -1.77 13.03
CA TYR A 115 4.26 -1.50 14.18
C TYR A 115 3.57 -2.78 14.64
N LEU A 116 3.13 -3.62 13.67
CA LEU A 116 2.40 -4.85 13.97
C LEU A 116 3.22 -5.85 14.78
N PRO A 117 4.49 -6.22 14.41
CA PRO A 117 5.24 -7.14 15.28
C PRO A 117 5.48 -6.50 16.66
N LYS A 118 5.89 -5.22 16.68
CA LYS A 118 6.16 -4.43 17.89
C LYS A 118 5.01 -4.37 18.91
N ASN A 119 3.75 -4.18 18.46
CA ASN A 119 2.57 -4.02 19.34
C ASN A 119 1.51 -5.14 19.22
N LYS A 120 1.96 -6.40 19.05
CA LYS A 120 1.12 -7.61 18.95
C LYS A 120 0.09 -7.67 20.09
N ASN A 121 0.57 -7.42 21.32
CA ASN A 121 -0.22 -7.44 22.55
C ASN A 121 -1.33 -6.37 22.55
N LYS A 122 -0.97 -5.14 22.13
CA LYS A 122 -1.84 -3.95 22.03
C LYS A 122 -2.95 -4.07 20.97
N ILE A 123 -2.70 -4.83 19.87
CA ILE A 123 -3.61 -4.98 18.73
C ILE A 123 -4.25 -6.36 18.69
N ASN A 124 -5.58 -6.42 18.70
CA ASN A 124 -6.30 -7.68 18.60
C ASN A 124 -7.14 -7.75 17.32
N LEU A 125 -7.87 -8.88 17.12
CA LEU A 125 -8.69 -9.15 15.94
C LEU A 125 -9.64 -8.00 15.52
N LYS A 126 -10.42 -7.40 16.46
CA LYS A 126 -11.35 -6.31 16.11
C LYS A 126 -10.61 -5.10 15.51
N GLN A 127 -9.46 -4.74 16.14
CA GLN A 127 -8.58 -3.67 15.73
C GLN A 127 -7.99 -4.00 14.35
N GLN A 128 -7.62 -5.28 14.14
CA GLN A 128 -7.12 -5.73 12.85
C GLN A 128 -8.20 -5.56 11.74
N LEU A 129 -9.49 -5.85 12.05
CA LEU A 129 -10.56 -5.69 11.04
C LEU A 129 -11.00 -4.24 10.89
N LYS A 130 -10.77 -3.41 11.90
CA LYS A 130 -11.06 -1.97 11.83
C LYS A 130 -10.07 -1.35 10.87
N TYR A 131 -8.81 -1.85 10.91
CA TYR A 131 -7.74 -1.45 10.00
C TYR A 131 -8.09 -1.80 8.56
N ALA A 132 -8.62 -3.03 8.33
CA ALA A 132 -9.01 -3.53 7.00
C ALA A 132 -10.12 -2.67 6.37
N VAL A 133 -11.13 -2.26 7.17
CA VAL A 133 -12.24 -1.38 6.74
C VAL A 133 -11.64 -0.05 6.27
N GLN A 134 -10.76 0.56 7.08
CA GLN A 134 -10.08 1.83 6.78
C GLN A 134 -9.30 1.72 5.51
N ILE A 135 -8.44 0.67 5.36
CA ILE A 135 -7.64 0.45 4.12
C ILE A 135 -8.60 0.38 2.92
N CYS A 136 -9.69 -0.45 3.05
CA CYS A 136 -10.76 -0.62 2.07
C CYS A 136 -11.35 0.73 1.72
N LYS A 137 -11.64 1.59 2.74
CA LYS A 137 -12.25 2.91 2.55
C LYS A 137 -11.39 3.82 1.70
N GLY A 138 -10.14 4.05 2.15
CA GLY A 138 -9.16 4.87 1.43
C GLY A 138 -9.02 4.37 0.01
N MET A 139 -9.04 3.01 -0.14
CA MET A 139 -8.97 2.33 -1.43
C MET A 139 -10.13 2.73 -2.33
N ASP A 140 -11.38 2.67 -1.82
CA ASP A 140 -12.58 3.04 -2.55
C ASP A 140 -12.55 4.50 -3.03
N TYR A 141 -12.12 5.42 -2.16
CA TYR A 141 -11.97 6.84 -2.48
C TYR A 141 -11.07 6.99 -3.74
N LEU A 142 -9.89 6.33 -3.74
CA LEU A 142 -8.94 6.33 -4.85
C LEU A 142 -9.58 5.76 -6.13
N GLY A 143 -10.33 4.66 -5.98
CA GLY A 143 -11.03 3.98 -7.06
C GLY A 143 -12.15 4.78 -7.67
N SER A 144 -13.04 5.33 -6.82
CA SER A 144 -14.17 6.19 -7.23
C SER A 144 -13.67 7.47 -7.94
N ARG A 145 -12.39 7.81 -7.76
CA ARG A 145 -11.73 8.96 -8.38
C ARG A 145 -10.91 8.50 -9.60
N GLN A 146 -11.24 7.29 -10.10
CA GLN A 146 -10.65 6.63 -11.27
C GLN A 146 -9.11 6.72 -11.26
N TYR A 147 -8.52 5.92 -10.35
CA TYR A 147 -7.09 5.75 -10.08
C TYR A 147 -6.85 4.32 -9.60
N VAL A 148 -5.73 3.75 -10.07
CA VAL A 148 -5.39 2.38 -9.71
C VAL A 148 -3.99 2.36 -8.99
N HIS A 149 -3.97 1.78 -7.77
CA HIS A 149 -2.82 1.77 -6.85
C HIS A 149 -1.59 1.03 -7.35
N ARG A 150 -1.76 -0.26 -7.73
CA ARG A 150 -0.70 -1.13 -8.26
C ARG A 150 0.39 -1.52 -7.24
N ASP A 151 0.26 -1.14 -5.94
CA ASP A 151 1.31 -1.42 -4.96
C ASP A 151 0.79 -1.58 -3.53
N LEU A 152 -0.39 -2.22 -3.39
CA LEU A 152 -1.06 -2.36 -2.11
C LEU A 152 -0.56 -3.55 -1.26
N ALA A 153 0.33 -3.22 -0.31
CA ALA A 153 0.96 -4.13 0.62
C ALA A 153 1.05 -3.42 1.95
N ALA A 154 1.18 -4.19 3.04
CA ALA A 154 1.32 -3.71 4.43
C ALA A 154 2.48 -2.72 4.70
N ARG A 155 3.52 -2.70 3.87
CA ARG A 155 4.62 -1.74 4.04
C ARG A 155 4.18 -0.33 3.55
N ASN A 156 3.02 -0.24 2.81
CA ASN A 156 2.52 1.06 2.30
C ASN A 156 1.35 1.62 3.12
N VAL A 157 1.13 1.04 4.33
CA VAL A 157 0.08 1.46 5.23
C VAL A 157 0.73 1.95 6.52
N LEU A 158 0.52 3.24 6.78
CA LEU A 158 1.03 3.96 7.95
C LEU A 158 0.01 3.96 9.09
N VAL A 159 0.49 4.00 10.32
CA VAL A 159 -0.35 3.98 11.52
C VAL A 159 -0.51 5.41 12.02
N GLU A 160 -1.74 5.94 12.00
CA GLU A 160 -2.04 7.29 12.52
C GLU A 160 -2.00 7.24 14.05
N SER A 161 -2.80 6.32 14.62
CA SER A 161 -2.96 6.01 16.02
C SER A 161 -3.32 4.55 16.06
N GLU A 162 -3.41 3.96 17.28
CA GLU A 162 -3.80 2.57 17.49
C GLU A 162 -5.20 2.29 16.88
N HIS A 163 -6.00 3.35 16.66
CA HIS A 163 -7.34 3.22 16.10
C HIS A 163 -7.46 3.61 14.64
N GLN A 164 -6.44 4.28 14.09
CA GLN A 164 -6.52 4.75 12.71
C GLN A 164 -5.26 4.45 11.88
N VAL A 165 -5.45 3.97 10.64
CA VAL A 165 -4.34 3.69 9.70
C VAL A 165 -4.60 4.40 8.40
N LYS A 166 -3.56 4.92 7.76
CA LYS A 166 -3.63 5.63 6.46
C LYS A 166 -2.75 4.98 5.36
N ILE A 167 -3.18 5.09 4.09
CA ILE A 167 -2.39 4.63 2.95
C ILE A 167 -1.33 5.74 2.82
N GLY A 168 -0.07 5.37 2.88
CA GLY A 168 1.03 6.34 2.88
C GLY A 168 1.93 6.41 1.67
N ASP A 169 1.64 5.68 0.60
CA ASP A 169 2.49 5.76 -0.59
C ASP A 169 1.67 5.54 -1.83
N PHE A 170 1.95 6.36 -2.89
CA PHE A 170 1.24 6.32 -4.18
C PHE A 170 2.19 6.27 -5.39
N GLY A 171 3.37 5.68 -5.19
CA GLY A 171 4.45 5.58 -6.18
C GLY A 171 4.09 4.99 -7.53
N LEU A 172 3.16 4.03 -7.54
CA LEU A 172 2.73 3.36 -8.76
C LEU A 172 1.27 3.59 -9.06
N THR A 173 0.64 4.56 -8.39
CA THR A 173 -0.75 4.95 -8.65
C THR A 173 -0.83 5.60 -10.07
N LYS A 174 -1.74 5.11 -10.91
CA LYS A 174 -1.90 5.59 -12.28
C LYS A 174 -3.35 5.77 -12.59
N ALA A 175 -3.64 6.68 -13.52
CA ALA A 175 -4.99 6.95 -14.01
C ALA A 175 -5.47 5.82 -14.94
N ILE A 176 -6.76 5.45 -14.83
CA ILE A 176 -7.40 4.48 -15.70
C ILE A 176 -7.87 5.23 -16.95
N GLU A 177 -7.46 4.76 -18.14
CA GLU A 177 -7.76 5.32 -19.47
C GLU A 177 -9.28 5.42 -19.75
N THR A 178 -9.69 6.42 -20.57
CA THR A 178 -11.09 6.72 -20.94
C THR A 178 -11.77 5.53 -21.65
N ASP A 179 -13.02 5.21 -21.21
CA ASP A 179 -13.86 4.09 -21.69
C ASP A 179 -13.22 2.71 -21.42
N LYS A 180 -11.95 2.71 -20.95
CA LYS A 180 -11.19 1.53 -20.59
C LYS A 180 -11.41 1.21 -19.12
N GLU A 181 -11.47 -0.09 -18.81
CA GLU A 181 -11.68 -0.62 -17.44
C GLU A 181 -10.32 -0.76 -16.72
N THR A 184 -2.98 -0.02 -18.96
CA THR A 184 -2.11 -1.01 -19.57
C THR A 184 -0.66 -0.70 -19.12
N VAL A 185 -0.10 -1.63 -18.34
CA VAL A 185 1.22 -1.53 -17.72
C VAL A 185 2.36 -1.66 -18.74
N LYS A 186 3.17 -0.60 -18.86
CA LYS A 186 4.35 -0.62 -19.73
C LYS A 186 5.50 -1.25 -18.92
N ASP A 187 6.37 -0.46 -18.27
CA ASP A 187 7.47 -1.00 -17.46
C ASP A 187 6.95 -1.65 -16.18
N ASP A 188 7.47 -2.85 -15.84
CA ASP A 188 7.11 -3.59 -14.62
C ASP A 188 8.30 -4.39 -14.03
N ARG A 189 9.48 -3.76 -14.01
CA ARG A 189 10.70 -4.36 -13.49
C ARG A 189 10.67 -4.61 -11.96
N ASP A 190 9.97 -3.74 -11.18
CA ASP A 190 9.88 -3.90 -9.73
C ASP A 190 8.41 -4.08 -9.22
N SER A 191 7.56 -4.80 -10.00
CA SER A 191 6.18 -5.16 -9.66
C SER A 191 6.18 -6.17 -8.46
N PRO A 192 5.47 -5.90 -7.32
CA PRO A 192 5.46 -6.90 -6.23
C PRO A 192 4.55 -8.07 -6.61
N VAL A 193 5.10 -9.05 -7.35
CA VAL A 193 4.40 -10.21 -7.96
C VAL A 193 3.56 -11.05 -7.00
N PHE A 194 4.06 -11.35 -5.78
CA PHE A 194 3.31 -12.18 -4.81
C PHE A 194 2.02 -11.49 -4.29
N TRP A 195 1.96 -10.17 -4.43
CA TRP A 195 0.80 -9.37 -4.07
C TRP A 195 -0.14 -9.20 -5.29
N TYR A 196 0.31 -9.59 -6.51
CA TYR A 196 -0.40 -9.39 -7.77
C TYR A 196 -1.45 -10.46 -8.18
N ALA A 197 -2.52 -9.96 -8.84
CA ALA A 197 -3.63 -10.72 -9.39
C ALA A 197 -3.15 -11.39 -10.68
N PRO A 198 -3.80 -12.46 -11.19
CA PRO A 198 -3.26 -13.14 -12.38
C PRO A 198 -3.35 -12.33 -13.68
N GLU A 199 -4.39 -11.51 -13.86
CA GLU A 199 -4.57 -10.64 -15.04
C GLU A 199 -3.39 -9.71 -15.27
N CYS A 200 -2.65 -9.42 -14.19
CA CYS A 200 -1.47 -8.55 -14.15
C CYS A 200 -0.27 -9.40 -14.41
N LEU A 201 -0.29 -10.65 -13.95
CA LEU A 201 0.80 -11.60 -14.15
C LEU A 201 0.84 -12.11 -15.60
N MET A 202 -0.33 -12.29 -16.23
CA MET A 202 -0.48 -12.77 -17.61
C MET A 202 -0.64 -11.65 -18.66
N GLN A 203 -1.72 -10.84 -18.56
CA GLN A 203 -2.01 -9.78 -19.52
C GLN A 203 -1.23 -8.47 -19.32
N SER A 204 -0.66 -8.25 -18.12
CA SER A 204 0.08 -7.04 -17.74
C SER A 204 -0.76 -5.72 -17.94
N LYS A 205 -2.06 -5.80 -17.59
CA LYS A 205 -3.04 -4.71 -17.63
C LYS A 205 -3.65 -4.66 -16.23
N PHE A 206 -3.59 -3.49 -15.58
CA PHE A 206 -4.07 -3.30 -14.21
C PHE A 206 -5.49 -2.77 -14.12
N TYR A 207 -6.35 -3.50 -13.42
CA TYR A 207 -7.76 -3.19 -13.18
C TYR A 207 -7.94 -2.84 -11.69
N ILE A 208 -9.00 -2.08 -11.36
CA ILE A 208 -9.32 -1.70 -9.98
C ILE A 208 -9.49 -3.02 -9.20
N ALA A 209 -10.13 -4.02 -9.85
CA ALA A 209 -10.34 -5.34 -9.27
C ALA A 209 -9.03 -6.00 -8.83
N SER A 210 -7.90 -5.64 -9.50
CA SER A 210 -6.58 -6.19 -9.15
C SER A 210 -6.11 -5.63 -7.80
N ASP A 211 -6.44 -4.34 -7.51
CA ASP A 211 -6.16 -3.69 -6.23
C ASP A 211 -6.89 -4.42 -5.08
N VAL A 212 -7.99 -5.11 -5.40
CA VAL A 212 -8.77 -5.94 -4.45
C VAL A 212 -7.97 -7.21 -4.12
N TRP A 213 -7.32 -7.86 -5.14
CA TRP A 213 -6.47 -9.05 -4.95
C TRP A 213 -5.36 -8.70 -3.96
N SER A 214 -4.66 -7.57 -4.20
CA SER A 214 -3.59 -7.03 -3.38
C SER A 214 -4.09 -6.76 -1.97
N PHE A 215 -5.33 -6.18 -1.82
CA PHE A 215 -5.93 -5.98 -0.51
C PHE A 215 -5.98 -7.30 0.31
N GLY A 216 -6.48 -8.38 -0.31
CA GLY A 216 -6.56 -9.69 0.33
C GLY A 216 -5.25 -10.18 0.88
N VAL A 217 -4.17 -9.85 0.19
CA VAL A 217 -2.81 -10.26 0.57
C VAL A 217 -2.33 -9.40 1.75
N THR A 218 -2.50 -8.05 1.63
CA THR A 218 -2.27 -7.05 2.66
C THR A 218 -3.03 -7.51 3.93
N LEU A 219 -4.28 -8.03 3.75
CA LEU A 219 -5.16 -8.57 4.78
C LEU A 219 -4.49 -9.76 5.52
N HIS A 220 -3.86 -10.68 4.76
CA HIS A 220 -3.13 -11.82 5.32
C HIS A 220 -1.95 -11.32 6.19
N GLU A 221 -1.19 -10.32 5.70
CA GLU A 221 -0.04 -9.73 6.43
C GLU A 221 -0.52 -9.10 7.71
N LEU A 222 -1.67 -8.44 7.63
CA LEU A 222 -2.30 -7.78 8.75
C LEU A 222 -2.57 -8.82 9.87
N LEU A 223 -3.27 -9.91 9.51
CA LEU A 223 -3.63 -11.01 10.43
C LEU A 223 -2.41 -11.78 10.98
N THR A 224 -1.24 -11.70 10.31
CA THR A 224 -0.02 -12.38 10.75
C THR A 224 0.93 -11.37 11.36
N TYR A 225 0.43 -10.15 11.63
CA TYR A 225 1.21 -9.06 12.23
C TYR A 225 2.51 -8.72 11.47
N CYS A 226 2.51 -8.90 10.12
CA CYS A 226 3.66 -8.64 9.24
C CYS A 226 4.90 -9.46 9.65
N ASP A 227 4.76 -10.80 9.71
CA ASP A 227 5.86 -11.66 10.12
C ASP A 227 6.64 -12.20 8.95
N SER A 228 7.94 -11.86 8.93
CA SER A 228 8.91 -12.25 7.90
C SER A 228 8.77 -13.73 7.52
N ASP A 229 8.80 -14.64 8.52
CA ASP A 229 8.77 -16.10 8.35
C ASP A 229 7.43 -16.65 7.79
N SER A 230 6.43 -15.78 7.66
CA SER A 230 5.11 -16.11 7.11
C SER A 230 4.57 -14.97 6.21
N SER A 231 5.51 -14.21 5.60
CA SER A 231 5.22 -13.11 4.67
C SER A 231 4.61 -13.71 3.39
N PRO A 232 3.79 -12.95 2.61
CA PRO A 232 3.15 -13.57 1.43
C PRO A 232 4.08 -14.14 0.38
N MET A 233 5.35 -13.65 0.33
CA MET A 233 6.35 -14.16 -0.60
C MET A 233 6.73 -15.58 -0.18
N ALA A 234 7.27 -15.71 1.06
CA ALA A 234 7.71 -16.94 1.71
C ALA A 234 6.66 -18.06 1.61
N LEU A 235 5.41 -17.78 1.98
CA LEU A 235 4.36 -18.80 1.96
C LEU A 235 4.05 -19.30 0.56
N PHE A 236 4.15 -18.43 -0.45
CA PHE A 236 3.91 -18.78 -1.85
C PHE A 236 5.07 -19.62 -2.39
N LEU A 237 6.32 -19.32 -1.94
CA LEU A 237 7.53 -20.04 -2.27
C LEU A 237 7.48 -21.48 -1.78
N LYS A 238 6.84 -21.72 -0.60
CA LYS A 238 6.66 -23.06 -0.03
C LYS A 238 5.92 -23.95 -1.03
N MET A 239 5.05 -23.34 -1.84
CA MET A 239 4.24 -23.99 -2.86
C MET A 239 4.87 -24.01 -4.28
N ILE A 240 6.05 -23.34 -4.49
CA ILE A 240 6.68 -23.29 -5.83
C ILE A 240 8.21 -23.59 -5.84
N GLY A 241 8.96 -23.14 -4.81
CA GLY A 241 10.39 -23.37 -4.67
C GLY A 241 11.27 -22.14 -4.79
N PRO A 242 12.27 -21.92 -3.89
CA PRO A 242 13.14 -20.73 -3.99
C PRO A 242 14.44 -20.95 -4.80
N THR A 243 14.33 -21.63 -5.97
CA THR A 243 15.46 -21.96 -6.86
C THR A 243 15.06 -21.91 -8.35
N HIS A 244 14.05 -21.07 -8.71
CA HIS A 244 13.56 -21.03 -10.09
C HIS A 244 13.66 -19.66 -10.80
N GLY A 245 14.22 -18.67 -10.08
CA GLY A 245 14.50 -17.31 -10.53
C GLY A 245 13.50 -16.62 -11.44
N GLN A 246 13.55 -16.96 -12.75
CA GLN A 246 12.70 -16.38 -13.78
C GLN A 246 11.53 -17.28 -14.19
N MET A 247 11.31 -18.36 -13.44
CA MET A 247 10.20 -19.29 -13.65
C MET A 247 9.18 -19.08 -12.52
N THR A 248 9.67 -18.52 -11.38
CA THR A 248 8.98 -18.18 -10.13
C THR A 248 7.55 -17.70 -10.44
N VAL A 249 7.46 -16.63 -11.27
CA VAL A 249 6.22 -15.98 -11.72
C VAL A 249 5.34 -16.93 -12.52
N THR A 250 5.93 -17.64 -13.50
CA THR A 250 5.19 -18.56 -14.37
C THR A 250 4.52 -19.69 -13.56
N ARG A 251 5.25 -20.31 -12.61
CA ARG A 251 4.72 -21.37 -11.74
C ARG A 251 3.54 -20.81 -10.93
N LEU A 252 3.74 -19.60 -10.35
CA LEU A 252 2.77 -18.88 -9.52
C LEU A 252 1.42 -18.72 -10.25
N VAL A 253 1.46 -18.35 -11.54
CA VAL A 253 0.27 -18.19 -12.38
C VAL A 253 -0.56 -19.49 -12.43
N ASN A 254 0.11 -20.65 -12.50
CA ASN A 254 -0.50 -21.98 -12.56
C ASN A 254 -1.13 -22.36 -11.21
N THR A 255 -0.37 -22.17 -10.10
CA THR A 255 -0.84 -22.48 -8.74
C THR A 255 -2.18 -21.76 -8.46
N LEU A 256 -2.37 -20.58 -9.07
CA LEU A 256 -3.60 -19.80 -8.97
C LEU A 256 -4.66 -20.32 -9.94
N LYS A 257 -4.26 -20.80 -11.15
CA LYS A 257 -5.16 -21.38 -12.16
C LYS A 257 -5.80 -22.65 -11.62
N GLU A 258 -5.01 -23.41 -10.82
CA GLU A 258 -5.40 -24.65 -10.13
C GLU A 258 -6.54 -24.38 -9.12
N GLY A 259 -6.41 -23.30 -8.35
CA GLY A 259 -7.38 -22.88 -7.35
C GLY A 259 -6.79 -22.63 -5.97
N LYS A 260 -5.48 -22.87 -5.83
CA LYS A 260 -4.72 -22.70 -4.58
C LYS A 260 -4.51 -21.22 -4.24
N ARG A 261 -4.60 -20.90 -2.92
CA ARG A 261 -4.43 -19.57 -2.34
C ARG A 261 -3.55 -19.68 -1.08
N LEU A 262 -3.04 -18.54 -0.55
CA LEU A 262 -2.21 -18.47 0.68
C LEU A 262 -2.94 -19.17 1.85
N PRO A 263 -2.25 -19.79 2.84
CA PRO A 263 -2.98 -20.48 3.93
C PRO A 263 -3.72 -19.53 4.88
N CYS A 264 -4.56 -20.10 5.78
CA CYS A 264 -5.28 -19.30 6.77
C CYS A 264 -4.27 -18.82 7.81
N PRO A 265 -4.30 -17.52 8.19
CA PRO A 265 -3.37 -17.05 9.22
C PRO A 265 -3.63 -17.73 10.57
N PRO A 266 -2.61 -17.87 11.44
CA PRO A 266 -2.88 -18.51 12.75
C PRO A 266 -3.69 -17.61 13.68
N ASN A 267 -4.88 -18.12 14.04
CA ASN A 267 -5.90 -17.57 14.94
C ASN A 267 -6.83 -16.63 14.20
N CYS A 268 -6.98 -16.84 12.88
CA CYS A 268 -7.91 -16.07 12.05
C CYS A 268 -9.23 -16.86 11.94
N PRO A 269 -10.41 -16.23 12.14
CA PRO A 269 -11.67 -16.96 11.99
C PRO A 269 -11.94 -17.32 10.54
N ASP A 270 -12.81 -18.32 10.30
CA ASP A 270 -13.15 -18.76 8.95
C ASP A 270 -13.90 -17.71 8.16
N GLU A 271 -14.86 -17.04 8.81
CA GLU A 271 -15.69 -15.97 8.20
C GLU A 271 -14.82 -14.81 7.68
N VAL A 272 -13.69 -14.53 8.36
CA VAL A 272 -12.71 -13.51 7.97
C VAL A 272 -11.94 -14.06 6.77
N TYR A 273 -11.41 -15.29 6.89
CA TYR A 273 -10.66 -15.98 5.84
C TYR A 273 -11.48 -16.13 4.55
N GLN A 274 -12.83 -16.25 4.66
CA GLN A 274 -13.68 -16.36 3.47
C GLN A 274 -13.82 -15.04 2.75
N LEU A 275 -13.63 -13.92 3.47
CA LEU A 275 -13.65 -12.59 2.88
C LEU A 275 -12.30 -12.41 2.15
N MET A 276 -11.25 -12.98 2.75
CA MET A 276 -9.89 -12.95 2.22
C MET A 276 -9.86 -13.79 0.95
N ARG A 277 -10.47 -15.00 0.99
CA ARG A 277 -10.55 -15.93 -0.15
C ARG A 277 -11.32 -15.32 -1.31
N LYS A 278 -12.42 -14.59 -1.02
CA LYS A 278 -13.27 -13.97 -2.05
C LYS A 278 -12.63 -12.72 -2.65
N CYS A 279 -11.44 -12.35 -2.14
CA CYS A 279 -10.60 -11.26 -2.63
C CYS A 279 -9.76 -11.85 -3.77
N TRP A 280 -9.85 -13.17 -3.97
CA TRP A 280 -9.04 -13.87 -4.93
C TRP A 280 -9.88 -14.64 -6.01
N GLU A 281 -11.05 -14.07 -6.39
CA GLU A 281 -11.90 -14.57 -7.47
C GLU A 281 -11.14 -14.29 -8.80
N PHE A 282 -10.52 -15.34 -9.38
CA PHE A 282 -9.65 -15.34 -10.59
C PHE A 282 -9.99 -14.31 -11.70
N GLN A 283 -11.27 -13.93 -11.91
CA GLN A 283 -11.59 -12.97 -12.97
C GLN A 283 -11.82 -11.52 -12.44
N PRO A 284 -11.33 -10.48 -13.16
CA PRO A 284 -11.53 -9.09 -12.69
C PRO A 284 -12.99 -8.61 -12.76
N SER A 285 -13.72 -8.99 -13.84
CA SER A 285 -15.13 -8.67 -14.05
C SER A 285 -16.00 -9.33 -12.98
N ASN A 286 -15.58 -10.53 -12.51
CA ASN A 286 -16.22 -11.37 -11.50
C ASN A 286 -15.92 -10.95 -10.06
N ARG A 287 -14.68 -10.45 -9.78
CA ARG A 287 -14.20 -10.08 -8.44
C ARG A 287 -14.95 -8.93 -7.76
N THR A 288 -15.02 -9.03 -6.41
CA THR A 288 -15.67 -8.07 -5.49
C THR A 288 -15.08 -6.64 -5.58
N SER A 289 -15.81 -5.65 -5.02
CA SER A 289 -15.37 -4.26 -4.95
C SER A 289 -15.06 -3.94 -3.49
N PHE A 290 -14.57 -2.72 -3.21
CA PHE A 290 -14.24 -2.36 -1.84
C PHE A 290 -15.49 -2.20 -0.98
N GLN A 291 -16.53 -1.51 -1.51
CA GLN A 291 -17.82 -1.33 -0.83
C GLN A 291 -18.42 -2.62 -0.28
N ASN A 292 -18.23 -3.73 -1.03
CA ASN A 292 -18.73 -5.03 -0.63
C ASN A 292 -17.96 -5.58 0.55
N LEU A 293 -16.62 -5.40 0.54
CA LEU A 293 -15.71 -5.85 1.61
C LEU A 293 -15.92 -5.10 2.91
N ILE A 294 -16.21 -3.79 2.83
CA ILE A 294 -16.50 -2.95 3.99
C ILE A 294 -17.73 -3.51 4.71
N GLU A 295 -18.89 -3.59 3.99
CA GLU A 295 -20.16 -4.14 4.50
C GLU A 295 -19.96 -5.54 5.07
N GLY A 296 -19.11 -6.32 4.40
CA GLY A 296 -18.75 -7.65 4.85
C GLY A 296 -18.00 -7.60 6.17
N PHE A 297 -17.08 -6.62 6.32
CA PHE A 297 -16.28 -6.45 7.53
C PHE A 297 -17.11 -5.93 8.70
N GLU A 298 -17.96 -4.92 8.42
CA GLU A 298 -18.85 -4.26 9.39
C GLU A 298 -19.82 -5.28 9.99
N ALA A 299 -20.21 -6.28 9.18
CA ALA A 299 -21.08 -7.39 9.57
C ALA A 299 -20.49 -8.27 10.66
N LEU A 300 -19.15 -8.18 10.89
CA LEU A 300 -18.38 -8.91 11.90
C LEU A 300 -18.04 -8.03 13.10
N LEU A 301 -18.00 -6.72 12.91
CA LEU A 301 -17.65 -5.80 13.98
C LEU A 301 -18.87 -5.44 14.87
N LYS A 302 -19.95 -4.87 14.26
CA LYS A 302 -21.23 -4.44 14.87
C LYS A 302 -21.66 -5.24 16.12
#